data_7GTB
#
_entry.id   7GTB
#
_cell.length_a   90.374
_cell.length_b   90.374
_cell.length_c   107.160
_cell.angle_alpha   90.000
_cell.angle_beta   90.000
_cell.angle_gamma   120.000
#
_symmetry.space_group_name_H-M   'P 31 2 1'
#
loop_
_entity.id
_entity.type
_entity.pdbx_description
1 polymer 'Tyrosine-protein phosphatase non-receptor type 1'
2 non-polymer 2-AMINO-2-HYDROXYMETHYL-PROPANE-1,3-DIOL
3 non-polymer '1H-indole-5-carboxylic acid'
4 water water
#
_entity_poly.entity_id   1
_entity_poly.type   'polypeptide(L)'
_entity_poly.pdbx_seq_one_letter_code
;MEMEKEFEQIDKSGSWAAIYQDIRHEASDFPSRVAKLPKNKNRNRYRDVSPFDHSRIKLHQEDNDYINASLIKMEEAQRS
YILTQGPLPNTVGHFWEMVWEQKSRGVVMLNRVMEKGSLKCAQYWPQKEEKEMIFEDTNLKLTLISEDIKSYYTVRQLEL
ENLTTQETREILHFHYTTWPDFGVPESPASFLNFLFKVRESGSLSPEHGPVVVHCSAGIGRSGTFCLADTCLLLMDKRKD
PSSVDIKKVLLEMRKFRMGLIQTADQLRFSYLAVIEGAKFIMGDSSVQDQWKELSHEDLEPPPEHIPPPPRPPKRILEPH
N
;
_entity_poly.pdbx_strand_id   A
#
loop_
_chem_comp.id
_chem_comp.type
_chem_comp.name
_chem_comp.formula
4ZV non-polymer '1H-indole-5-carboxylic acid' 'C9 H7 N O2'
TRS non-polymer 2-AMINO-2-HYDROXYMETHYL-PROPANE-1,3-DIOL 'C4 H12 N O3 1'
#
# COMPACT_ATOMS: atom_id res chain seq x y z
N MET A 1 -5.58 28.12 1.49
CA MET A 1 -4.87 26.88 1.06
C MET A 1 -5.20 26.59 -0.41
N GLU A 2 -4.18 26.56 -1.28
CA GLU A 2 -4.30 26.24 -2.73
C GLU A 2 -5.25 25.05 -2.90
N MET A 3 -4.81 23.86 -2.46
CA MET A 3 -5.50 22.56 -2.63
C MET A 3 -6.98 22.68 -2.25
N GLU A 4 -7.30 23.38 -1.15
CA GLU A 4 -8.67 23.43 -0.56
C GLU A 4 -9.59 24.27 -1.46
N LYS A 5 -9.06 25.28 -2.14
CA LYS A 5 -9.87 26.18 -3.02
C LYS A 5 -10.09 25.45 -4.34
N GLU A 6 -9.10 24.67 -4.79
CA GLU A 6 -9.26 23.73 -5.94
C GLU A 6 -10.41 22.76 -5.59
N PHE A 7 -10.32 22.11 -4.41
CA PHE A 7 -11.33 21.16 -3.89
C PHE A 7 -12.72 21.83 -3.96
N GLU A 8 -12.82 23.02 -3.38
CA GLU A 8 -14.07 23.83 -3.36
C GLU A 8 -14.44 24.16 -4.81
N GLN A 9 -13.48 24.54 -5.66
CA GLN A 9 -13.79 24.84 -7.09
C GLN A 9 -14.32 23.57 -7.77
N ILE A 10 -13.67 22.41 -7.58
CA ILE A 10 -14.13 21.13 -8.19
C ILE A 10 -15.46 20.72 -7.53
N ASP A 11 -15.61 20.88 -6.22
CA ASP A 11 -16.84 20.40 -5.51
C ASP A 11 -18.03 21.24 -6.00
N LYS A 12 -17.89 22.57 -6.03
CA LYS A 12 -19.02 23.46 -6.41
C LYS A 12 -19.40 23.18 -7.88
N SER A 13 -18.42 22.89 -8.74
CA SER A 13 -18.65 22.59 -10.17
C SER A 13 -19.07 21.13 -10.36
N GLY A 14 -18.88 20.27 -9.35
CA GLY A 14 -19.10 18.81 -9.46
C GLY A 14 -18.35 18.21 -10.65
N SER A 15 -17.04 18.43 -10.77
CA SER A 15 -16.24 17.92 -11.91
C SER A 15 -15.28 16.80 -11.49
N TRP A 16 -15.53 16.11 -10.36
CA TRP A 16 -14.60 15.05 -9.88
C TRP A 16 -14.38 14.03 -11.00
N ALA A 17 -15.45 13.57 -11.65
CA ALA A 17 -15.39 12.55 -12.71
C ALA A 17 -14.48 13.02 -13.86
N ALA A 18 -14.57 14.31 -14.23
CA ALA A 18 -13.79 14.90 -15.33
C ALA A 18 -12.30 15.02 -14.97
N ILE A 19 -11.96 15.52 -13.79
CA ILE A 19 -10.55 15.54 -13.28
C ILE A 19 -9.99 14.12 -13.32
N TYR A 20 -10.74 13.14 -12.77
CA TYR A 20 -10.26 11.74 -12.62
C TYR A 20 -9.95 11.16 -14.02
N GLN A 21 -10.83 11.36 -15.01
CA GLN A 21 -10.63 10.77 -16.37
C GLN A 21 -9.41 11.43 -17.03
N ASP A 22 -9.14 12.71 -16.79
CA ASP A 22 -7.92 13.41 -17.30
C ASP A 22 -6.64 12.71 -16.80
N ILE A 23 -6.58 12.37 -15.51
CA ILE A 23 -5.47 11.54 -14.95
C ILE A 23 -5.36 10.21 -15.69
N ARG A 24 -6.48 9.48 -15.84
CA ARG A 24 -6.47 8.16 -16.51
C ARG A 24 -5.91 8.32 -17.93
N HIS A 25 -6.28 9.39 -18.62
CA HIS A 25 -5.85 9.66 -20.02
C HIS A 25 -4.35 9.97 -20.09
N GLU A 26 -3.76 10.68 -19.12
CA GLU A 26 -2.34 11.11 -19.18
C GLU A 26 -1.40 10.09 -18.53
N ALA A 27 -1.91 9.05 -17.88
CA ALA A 27 -1.12 8.08 -17.08
C ALA A 27 -0.20 7.30 -18.00
N SER A 28 0.98 6.95 -17.51
CA SER A 28 2.00 6.13 -18.17
C SER A 28 1.45 4.76 -18.58
N ASP A 29 2.01 4.24 -19.68
CA ASP A 29 1.76 2.86 -20.16
C ASP A 29 3.10 2.22 -20.46
N PHE A 30 3.45 1.16 -19.73
CA PHE A 30 4.72 0.44 -19.86
C PHE A 30 4.37 -1.04 -20.01
N PRO A 31 5.27 -1.84 -20.60
CA PRO A 31 5.02 -3.26 -20.73
C PRO A 31 4.99 -4.02 -19.38
N SER A 32 4.11 -5.01 -19.29
CA SER A 32 3.98 -6.01 -18.19
C SER A 32 4.11 -7.42 -18.77
N ARG A 33 5.14 -7.70 -19.55
CA ARG A 33 5.23 -9.03 -20.26
C ARG A 33 5.43 -10.18 -19.26
N VAL A 34 6.18 -10.01 -18.19
CA VAL A 34 6.39 -11.15 -17.24
C VAL A 34 5.04 -11.54 -16.60
N ALA A 35 4.25 -10.58 -16.14
CA ALA A 35 2.94 -10.82 -15.47
C ALA A 35 2.03 -11.66 -16.37
N LYS A 36 2.13 -11.50 -17.69
CA LYS A 36 1.20 -12.15 -18.66
C LYS A 36 1.72 -13.49 -19.16
N LEU A 37 2.91 -13.96 -18.79
CA LEU A 37 3.38 -15.35 -19.12
C LEU A 37 2.36 -16.37 -18.59
N PRO A 38 2.08 -17.43 -19.37
CA PRO A 38 1.18 -18.49 -18.94
C PRO A 38 1.55 -19.17 -17.61
N LYS A 39 2.84 -19.36 -17.30
CA LYS A 39 3.28 -19.97 -16.02
C LYS A 39 2.86 -19.09 -14.82
N ASN A 40 2.43 -17.82 -15.01
CA ASN A 40 2.17 -16.90 -13.88
C ASN A 40 0.67 -16.65 -13.72
N LYS A 41 -0.18 -17.36 -14.44
CA LYS A 41 -1.61 -17.03 -14.43
C LYS A 41 -2.20 -17.16 -13.00
N ASN A 42 -1.84 -18.20 -12.26
CA ASN A 42 -2.35 -18.41 -10.87
C ASN A 42 -1.57 -17.54 -9.85
N ARG A 43 -0.68 -16.64 -10.26
CA ARG A 43 0.05 -15.72 -9.34
C ARG A 43 -0.61 -14.34 -9.36
N ASN A 44 -1.67 -14.17 -10.14
CA ASN A 44 -2.37 -12.88 -10.36
C ASN A 44 -3.82 -13.00 -9.91
N ARG A 45 -4.23 -12.12 -9.02
CA ARG A 45 -5.60 -12.10 -8.51
C ARG A 45 -6.55 -11.58 -9.60
N TYR A 46 -6.20 -10.48 -10.26
CA TYR A 46 -7.04 -9.79 -11.28
C TYR A 46 -6.27 -9.74 -12.61
N ARG A 47 -6.97 -10.12 -13.68
CA ARG A 47 -6.41 -10.17 -15.06
C ARG A 47 -6.00 -8.76 -15.54
N ASP A 48 -6.66 -7.72 -15.07
CA ASP A 48 -6.41 -6.31 -15.53
C ASP A 48 -5.46 -5.52 -14.59
N VAL A 49 -4.84 -6.12 -13.58
CA VAL A 49 -3.90 -5.43 -12.62
C VAL A 49 -2.58 -6.19 -12.61
N SER A 50 -1.53 -5.62 -13.20
CA SER A 50 -0.22 -6.25 -13.40
C SER A 50 0.86 -5.23 -13.05
N PRO A 51 1.99 -5.70 -12.52
CA PRO A 51 3.14 -4.82 -12.31
C PRO A 51 3.89 -4.59 -13.63
N PHE A 52 4.35 -3.37 -13.88
CA PHE A 52 5.24 -3.06 -15.03
C PHE A 52 6.51 -3.88 -14.88
N ASP A 53 7.10 -4.30 -15.99
CA ASP A 53 8.39 -5.04 -15.94
C ASP A 53 9.49 -4.15 -15.34
N HIS A 54 9.54 -2.84 -15.62
CA HIS A 54 10.72 -2.04 -15.21
C HIS A 54 10.77 -1.90 -13.66
N SER A 55 9.63 -1.96 -12.97
CA SER A 55 9.52 -1.63 -11.53
C SER A 55 9.09 -2.86 -10.69
N ARG A 56 8.97 -4.05 -11.30
CA ARG A 56 8.41 -5.21 -10.52
C ARG A 56 9.42 -5.67 -9.47
N ILE A 57 8.93 -6.18 -8.32
CA ILE A 57 9.82 -6.87 -7.34
C ILE A 57 10.12 -8.28 -7.81
N LYS A 58 11.41 -8.62 -7.84
CA LYS A 58 11.87 -10.00 -8.17
C LYS A 58 12.14 -10.84 -6.89
N LEU A 59 11.54 -12.01 -6.84
CA LEU A 59 11.88 -13.03 -5.80
C LEU A 59 13.28 -13.58 -6.09
N HIS A 60 14.07 -13.84 -5.04
CA HIS A 60 15.48 -14.32 -5.19
C HIS A 60 15.48 -15.83 -5.30
N GLN A 61 14.90 -16.37 -6.37
CA GLN A 61 14.97 -17.82 -6.69
C GLN A 61 15.00 -18.02 -8.21
N GLU A 62 15.62 -19.11 -8.65
CA GLU A 62 15.96 -19.36 -10.08
C GLU A 62 14.75 -19.99 -10.78
N ASP A 63 13.95 -20.77 -10.06
CA ASP A 63 12.68 -21.38 -10.52
C ASP A 63 11.83 -20.32 -11.25
N ASN A 64 11.13 -19.46 -10.51
CA ASN A 64 10.19 -18.44 -11.02
C ASN A 64 10.29 -17.24 -10.09
N ASP A 65 10.74 -16.08 -10.58
CA ASP A 65 11.05 -14.89 -9.72
C ASP A 65 9.82 -13.97 -9.62
N TYR A 66 8.65 -14.39 -10.09
CA TYR A 66 7.49 -13.49 -10.31
C TYR A 66 6.60 -13.37 -9.04
N ILE A 67 6.28 -12.11 -8.67
CA ILE A 67 5.20 -11.75 -7.73
C ILE A 67 4.49 -10.50 -8.26
N ASN A 68 3.19 -10.42 -8.03
CA ASN A 68 2.40 -9.21 -8.35
C ASN A 68 2.66 -8.12 -7.29
N ALA A 69 3.78 -7.41 -7.45
CA ALA A 69 4.30 -6.35 -6.56
C ALA A 69 5.21 -5.38 -7.36
N SER A 70 5.15 -4.10 -6.98
CA SER A 70 5.90 -3.00 -7.66
C SER A 70 6.63 -2.15 -6.61
N LEU A 71 7.84 -1.67 -6.95
CA LEU A 71 8.58 -0.68 -6.14
C LEU A 71 8.27 0.75 -6.57
N ILE A 72 7.54 1.53 -5.76
CA ILE A 72 7.24 2.97 -5.99
C ILE A 72 8.39 3.79 -5.33
N LYS A 73 9.27 4.42 -6.13
CA LYS A 73 10.45 5.16 -5.60
C LYS A 73 10.26 6.67 -5.78
N MET A 74 9.99 7.41 -4.70
CA MET A 74 9.65 8.86 -4.77
C MET A 74 10.96 9.63 -4.47
N GLU A 75 11.63 10.09 -5.52
CA GLU A 75 13.01 10.65 -5.47
C GLU A 75 13.06 11.93 -4.63
N GLU A 76 12.23 12.92 -4.89
CA GLU A 76 12.23 14.18 -4.10
C GLU A 76 11.80 13.98 -2.64
N ALA A 77 10.77 13.17 -2.37
CA ALA A 77 10.30 12.90 -1.00
C ALA A 77 11.26 12.00 -0.25
N GLN A 78 12.15 11.22 -0.93
CA GLN A 78 13.07 10.25 -0.29
C GLN A 78 12.24 9.20 0.46
N ARG A 79 11.20 8.65 -0.17
CA ARG A 79 10.40 7.52 0.36
C ARG A 79 10.29 6.45 -0.71
N SER A 80 10.31 5.19 -0.30
CA SER A 80 10.02 4.00 -1.15
C SER A 80 8.87 3.20 -0.54
N TYR A 81 7.97 2.70 -1.38
CA TYR A 81 6.89 1.77 -0.96
C TYR A 81 6.86 0.58 -1.91
N ILE A 82 6.58 -0.62 -1.39
CA ILE A 82 6.18 -1.75 -2.26
C ILE A 82 4.65 -1.85 -2.20
N LEU A 83 3.98 -1.76 -3.35
CA LEU A 83 2.52 -2.01 -3.44
C LEU A 83 2.28 -3.38 -4.08
N THR A 84 1.41 -4.20 -3.44
CA THR A 84 1.19 -5.60 -3.89
C THR A 84 -0.29 -5.93 -3.70
N GLN A 85 -0.74 -6.97 -4.35
CA GLN A 85 -2.14 -7.48 -4.21
C GLN A 85 -2.25 -8.23 -2.86
N GLY A 86 -3.47 -8.43 -2.38
CA GLY A 86 -3.74 -9.38 -1.29
C GLY A 86 -3.24 -10.76 -1.69
N PRO A 87 -2.45 -11.44 -0.85
CA PRO A 87 -1.95 -12.76 -1.19
C PRO A 87 -3.09 -13.75 -1.53
N LEU A 88 -2.79 -14.64 -2.47
CA LEU A 88 -3.62 -15.79 -2.86
C LEU A 88 -3.17 -17.05 -2.11
N PRO A 89 -4.04 -18.09 -2.05
CA PRO A 89 -3.66 -19.35 -1.41
C PRO A 89 -2.31 -19.88 -1.91
N ASN A 90 -2.01 -19.75 -3.19
CA ASN A 90 -0.70 -20.27 -3.65
C ASN A 90 0.42 -19.20 -3.65
N THR A 91 0.19 -17.96 -3.20
CA THR A 91 1.27 -16.96 -3.13
C THR A 91 1.58 -16.50 -1.69
N VAL A 92 1.04 -17.15 -0.63
CA VAL A 92 1.33 -16.67 0.75
C VAL A 92 2.82 -16.85 1.04
N GLY A 93 3.45 -17.93 0.58
CA GLY A 93 4.88 -18.15 0.86
C GLY A 93 5.77 -17.18 0.08
N HIS A 94 5.40 -16.84 -1.15
CA HIS A 94 6.08 -15.79 -1.98
C HIS A 94 6.03 -14.45 -1.26
N PHE A 95 4.85 -14.10 -0.75
CA PHE A 95 4.63 -12.82 -0.02
C PHE A 95 5.67 -12.69 1.12
N TRP A 96 5.80 -13.70 1.99
CA TRP A 96 6.68 -13.62 3.17
C TRP A 96 8.14 -13.68 2.70
N GLU A 97 8.43 -14.42 1.62
CA GLU A 97 9.79 -14.41 1.01
C GLU A 97 10.17 -12.97 0.59
N MET A 98 9.25 -12.23 -0.04
CA MET A 98 9.49 -10.83 -0.48
C MET A 98 9.78 -9.98 0.77
N VAL A 99 8.93 -10.09 1.81
CA VAL A 99 9.11 -9.30 3.07
C VAL A 99 10.53 -9.55 3.60
N TRP A 100 10.97 -10.79 3.64
CA TRP A 100 12.32 -11.19 4.12
C TRP A 100 13.41 -10.57 3.21
N GLU A 101 13.30 -10.82 1.91
CA GLU A 101 14.37 -10.43 0.93
C GLU A 101 14.53 -8.92 0.84
N GLN A 102 13.45 -8.15 0.90
CA GLN A 102 13.46 -6.67 0.80
C GLN A 102 13.73 -5.98 2.14
N LYS A 103 13.84 -6.73 3.25
CA LYS A 103 14.19 -6.23 4.62
C LYS A 103 13.15 -5.29 5.17
N SER A 104 11.89 -5.47 4.79
CA SER A 104 10.79 -4.66 5.30
C SER A 104 10.64 -4.86 6.82
N ARG A 105 10.22 -3.81 7.49
CA ARG A 105 9.91 -3.77 8.94
C ARG A 105 8.40 -3.86 9.16
N GLY A 106 7.61 -3.31 8.23
CA GLY A 106 6.14 -3.15 8.34
C GLY A 106 5.40 -3.74 7.17
N VAL A 107 4.22 -4.28 7.44
CA VAL A 107 3.18 -4.67 6.45
C VAL A 107 1.95 -3.83 6.80
N VAL A 108 1.39 -3.10 5.82
CA VAL A 108 0.16 -2.30 5.93
C VAL A 108 -0.96 -2.99 5.14
N MET A 109 -2.05 -3.36 5.82
CA MET A 109 -3.24 -4.08 5.27
C MET A 109 -4.48 -3.18 5.38
N LEU A 110 -5.13 -2.83 4.25
CA LEU A 110 -6.21 -1.84 4.23
C LEU A 110 -7.56 -2.51 3.91
N ASN A 111 -7.61 -3.84 3.93
CA ASN A 111 -8.89 -4.55 3.61
C ASN A 111 -9.17 -5.59 4.69
N ARG A 112 -10.40 -6.14 4.71
CA ARG A 112 -10.77 -7.34 5.53
C ARG A 112 -10.62 -8.57 4.64
N VAL A 113 -10.37 -9.72 5.24
CA VAL A 113 -10.26 -11.03 4.53
C VAL A 113 -11.56 -11.30 3.76
N MET A 114 -12.72 -11.03 4.36
CA MET A 114 -14.02 -11.12 3.65
C MET A 114 -14.66 -9.73 3.56
N GLU A 115 -15.06 -9.33 2.34
CA GLU A 115 -15.89 -8.09 2.17
C GLU A 115 -16.97 -8.38 1.12
N LYS A 116 -18.14 -7.76 1.28
CA LYS A 116 -19.26 -7.96 0.32
C LYS A 116 -19.57 -9.48 0.15
N GLY A 117 -19.35 -10.28 1.20
CA GLY A 117 -19.61 -11.76 1.17
C GLY A 117 -18.63 -12.61 0.36
N SER A 118 -17.49 -12.08 -0.09
CA SER A 118 -16.49 -12.82 -0.92
C SER A 118 -15.11 -12.69 -0.30
N LEU A 119 -14.21 -13.62 -0.59
CA LEU A 119 -12.84 -13.58 -0.03
C LEU A 119 -11.99 -12.59 -0.84
N LYS A 120 -11.38 -11.60 -0.19
CA LYS A 120 -10.55 -10.55 -0.85
C LYS A 120 -9.04 -10.84 -0.70
N CYS A 121 -8.65 -11.74 0.21
CA CYS A 121 -7.26 -12.22 0.35
C CYS A 121 -7.19 -13.36 1.36
N ALA A 122 -6.12 -14.13 1.27
CA ALA A 122 -5.89 -15.33 2.09
C ALA A 122 -5.67 -14.89 3.54
N GLN A 123 -5.96 -15.81 4.48
CA GLN A 123 -5.63 -15.63 5.91
C GLN A 123 -4.14 -15.95 6.01
N TYR A 124 -3.25 -14.95 5.87
CA TYR A 124 -1.79 -15.15 5.62
C TYR A 124 -0.94 -14.96 6.88
N TRP A 125 -1.58 -14.67 8.04
CA TRP A 125 -0.85 -14.53 9.32
C TRP A 125 -1.57 -15.36 10.40
N PRO A 126 -0.85 -15.80 11.46
CA PRO A 126 -1.43 -16.66 12.51
C PRO A 126 -2.31 -15.88 13.47
N GLN A 127 -3.39 -16.51 13.91
CA GLN A 127 -4.43 -15.82 14.73
C GLN A 127 -4.24 -16.16 16.23
N LYS A 128 -3.44 -17.18 16.55
CA LYS A 128 -3.20 -17.60 17.95
C LYS A 128 -1.72 -17.83 18.16
N GLU A 129 -1.20 -17.37 19.31
CA GLU A 129 0.23 -17.47 19.67
C GLU A 129 0.71 -18.91 19.48
N GLU A 130 -0.05 -19.85 20.01
CA GLU A 130 0.47 -21.26 20.07
C GLU A 130 0.22 -22.02 18.75
N LYS A 131 -0.33 -21.40 17.71
CA LYS A 131 -0.53 -22.06 16.39
C LYS A 131 0.23 -21.31 15.25
N GLU A 132 1.53 -21.50 15.17
CA GLU A 132 2.38 -20.79 14.21
C GLU A 132 2.14 -21.33 12.78
N MET A 133 2.62 -20.62 11.76
CA MET A 133 2.46 -21.00 10.33
C MET A 133 3.84 -21.32 9.79
N ILE A 134 3.90 -22.36 8.98
CA ILE A 134 5.13 -22.76 8.25
C ILE A 134 4.80 -22.75 6.75
N PHE A 135 5.64 -22.09 5.97
CA PHE A 135 5.52 -21.97 4.49
C PHE A 135 6.61 -22.84 3.91
N GLU A 136 6.25 -24.07 3.53
CA GLU A 136 7.26 -25.11 3.18
C GLU A 136 7.94 -24.74 1.86
N ASP A 137 7.18 -24.18 0.90
CA ASP A 137 7.73 -23.77 -0.42
C ASP A 137 8.86 -22.75 -0.26
N THR A 138 8.84 -21.82 0.72
CA THR A 138 9.89 -20.76 0.89
C THR A 138 10.71 -20.92 2.18
N ASN A 139 10.45 -21.95 2.97
CA ASN A 139 11.28 -22.30 4.17
C ASN A 139 11.23 -21.16 5.21
N LEU A 140 10.03 -20.68 5.54
CA LEU A 140 9.82 -19.59 6.54
C LEU A 140 8.82 -20.05 7.62
N LYS A 141 9.02 -19.54 8.83
CA LYS A 141 8.08 -19.72 9.97
C LYS A 141 7.66 -18.35 10.49
N LEU A 142 6.36 -18.23 10.78
CA LEU A 142 5.70 -16.98 11.21
C LEU A 142 4.90 -17.28 12.49
N THR A 143 5.16 -16.53 13.55
CA THR A 143 4.53 -16.66 14.88
C THR A 143 3.89 -15.35 15.33
N LEU A 144 2.64 -15.40 15.80
CA LEU A 144 2.01 -14.25 16.47
C LEU A 144 2.64 -14.06 17.86
N ILE A 145 3.18 -12.87 18.12
CA ILE A 145 3.87 -12.47 19.38
C ILE A 145 2.88 -11.70 20.26
N SER A 146 2.14 -10.75 19.73
CA SER A 146 1.17 -9.93 20.48
C SER A 146 0.22 -9.23 19.49
N GLU A 147 -0.88 -8.73 20.01
CA GLU A 147 -2.03 -8.18 19.26
C GLU A 147 -2.62 -7.05 20.09
N ASP A 148 -2.79 -5.86 19.51
CA ASP A 148 -3.40 -4.67 20.16
C ASP A 148 -4.56 -4.23 19.27
N ILE A 149 -5.79 -4.49 19.70
CA ILE A 149 -7.04 -4.27 18.91
C ILE A 149 -7.67 -2.96 19.36
N LYS A 150 -7.80 -2.00 18.45
CA LYS A 150 -8.42 -0.69 18.73
C LYS A 150 -9.66 -0.58 17.87
N SER A 151 -10.34 0.56 17.91
CA SER A 151 -11.67 0.74 17.26
C SER A 151 -11.53 0.78 15.75
N TYR A 152 -10.48 1.37 15.21
CA TYR A 152 -10.36 1.60 13.74
C TYR A 152 -9.25 0.75 13.10
N TYR A 153 -8.36 0.17 13.92
CA TYR A 153 -7.18 -0.59 13.45
C TYR A 153 -6.68 -1.53 14.55
N THR A 154 -5.92 -2.54 14.12
CA THR A 154 -5.25 -3.53 14.99
C THR A 154 -3.76 -3.51 14.64
N VAL A 155 -2.88 -3.48 15.63
CA VAL A 155 -1.42 -3.65 15.44
C VAL A 155 -1.00 -4.99 16.01
N ARG A 156 -0.29 -5.76 15.22
CA ARG A 156 0.26 -7.08 15.61
C ARG A 156 1.78 -7.07 15.52
N GLN A 157 2.42 -7.66 16.52
CA GLN A 157 3.85 -8.02 16.50
C GLN A 157 4.01 -9.44 16.00
N LEU A 158 4.76 -9.65 14.92
CA LEU A 158 4.98 -11.00 14.34
C LEU A 158 6.46 -11.32 14.38
N GLU A 159 6.82 -12.59 14.45
CA GLU A 159 8.21 -13.05 14.34
C GLU A 159 8.32 -13.92 13.08
N LEU A 160 9.20 -13.50 12.17
CA LEU A 160 9.49 -14.21 10.91
C LEU A 160 10.89 -14.80 11.02
N GLU A 161 10.95 -16.12 10.86
CA GLU A 161 12.17 -16.91 10.98
C GLU A 161 12.52 -17.51 9.63
N ASN A 162 13.73 -17.22 9.16
CA ASN A 162 14.31 -17.87 7.96
C ASN A 162 14.85 -19.24 8.40
N LEU A 163 14.10 -20.32 8.12
CA LEU A 163 14.40 -21.68 8.68
C LEU A 163 15.74 -22.19 8.13
N THR A 164 16.22 -21.59 7.05
CA THR A 164 17.49 -21.96 6.36
C THR A 164 18.68 -21.50 7.20
N THR A 165 18.62 -20.32 7.82
CA THR A 165 19.73 -19.69 8.57
C THR A 165 19.42 -19.55 10.06
N GLN A 166 18.16 -19.71 10.45
CA GLN A 166 17.68 -19.56 11.85
C GLN A 166 17.78 -18.10 12.29
N GLU A 167 18.02 -17.15 11.38
CA GLU A 167 17.82 -15.71 11.70
C GLU A 167 16.31 -15.44 11.92
N THR A 168 15.99 -14.52 12.81
CA THR A 168 14.61 -14.03 13.09
C THR A 168 14.58 -12.51 12.97
N ARG A 169 13.41 -11.98 12.64
CA ARG A 169 13.14 -10.53 12.65
C ARG A 169 11.74 -10.30 13.21
N GLU A 170 11.56 -9.14 13.82
CA GLU A 170 10.23 -8.64 14.22
C GLU A 170 9.61 -7.85 13.05
N ILE A 171 8.42 -8.25 12.59
CA ILE A 171 7.60 -7.55 11.57
C ILE A 171 6.37 -6.98 12.28
N LEU A 172 6.07 -5.72 12.06
CA LEU A 172 4.82 -5.08 12.53
C LEU A 172 3.74 -5.18 11.45
N HIS A 173 2.56 -5.65 11.83
CA HIS A 173 1.35 -5.75 10.96
C HIS A 173 0.38 -4.65 11.32
N PHE A 174 0.19 -3.65 10.45
CA PHE A 174 -0.76 -2.54 10.66
C PHE A 174 -2.01 -2.82 9.85
N HIS A 175 -3.14 -3.15 10.50
CA HIS A 175 -4.37 -3.60 9.82
C HIS A 175 -5.45 -2.57 9.99
N TYR A 176 -5.79 -1.79 8.96
CA TYR A 176 -6.88 -0.79 9.03
C TYR A 176 -8.18 -1.56 8.76
N THR A 177 -9.10 -1.64 9.72
CA THR A 177 -10.17 -2.68 9.71
C THR A 177 -11.55 -2.08 9.38
N THR A 178 -11.68 -0.79 9.21
CA THR A 178 -13.01 -0.11 9.13
C THR A 178 -13.26 0.61 7.81
N TRP A 179 -12.44 0.41 6.75
CA TRP A 179 -12.80 1.01 5.45
C TRP A 179 -14.13 0.38 5.02
N PRO A 180 -15.16 1.16 4.60
CA PRO A 180 -16.47 0.58 4.29
C PRO A 180 -16.46 -0.29 3.02
N ASP A 181 -17.37 -1.27 2.99
CA ASP A 181 -17.57 -2.21 1.85
C ASP A 181 -17.80 -1.42 0.55
N PHE A 182 -18.57 -0.32 0.56
CA PHE A 182 -18.80 0.58 -0.61
C PHE A 182 -18.33 2.02 -0.31
N GLY A 183 -17.88 2.74 -1.33
CA GLY A 183 -17.45 4.15 -1.16
C GLY A 183 -16.16 4.31 -0.34
N VAL A 184 -16.03 5.44 0.35
CA VAL A 184 -14.78 5.87 1.07
C VAL A 184 -15.24 6.38 2.43
N PRO A 185 -14.37 6.47 3.46
CA PRO A 185 -14.81 7.01 4.75
C PRO A 185 -15.35 8.45 4.59
N GLU A 186 -16.30 8.81 5.45
CA GLU A 186 -16.90 10.16 5.44
C GLU A 186 -15.91 11.22 5.95
N SER A 187 -15.12 10.91 6.98
CA SER A 187 -14.03 11.74 7.52
C SER A 187 -12.68 11.04 7.37
N PRO A 188 -11.58 11.75 7.06
CA PRO A 188 -10.26 11.13 6.98
C PRO A 188 -9.51 11.06 8.31
N ALA A 189 -10.17 11.45 9.40
CA ALA A 189 -9.49 11.55 10.71
C ALA A 189 -8.91 10.20 11.10
N SER A 190 -9.68 9.10 10.97
CA SER A 190 -9.17 7.79 11.46
C SER A 190 -8.09 7.27 10.51
N PHE A 191 -8.23 7.47 9.20
CA PHE A 191 -7.15 7.12 8.21
C PHE A 191 -5.84 7.88 8.54
N LEU A 192 -5.90 9.18 8.83
CA LEU A 192 -4.68 10.00 9.16
C LEU A 192 -4.08 9.54 10.47
N ASN A 193 -4.89 9.31 11.52
CA ASN A 193 -4.41 8.70 12.78
C ASN A 193 -3.65 7.40 12.50
N PHE A 194 -4.17 6.53 11.63
CA PHE A 194 -3.52 5.26 11.26
C PHE A 194 -2.16 5.54 10.60
N LEU A 195 -2.13 6.44 9.63
CA LEU A 195 -0.86 6.75 8.87
C LEU A 195 0.22 7.22 9.88
N PHE A 196 -0.14 8.07 10.84
CA PHE A 196 0.87 8.60 11.81
C PHE A 196 1.31 7.46 12.74
N LYS A 197 0.43 6.50 13.05
CA LYS A 197 0.86 5.30 13.84
C LYS A 197 1.91 4.51 13.06
N VAL A 198 1.70 4.33 11.75
CA VAL A 198 2.71 3.58 10.94
C VAL A 198 4.02 4.40 10.97
N ARG A 199 3.93 5.70 10.74
CA ARG A 199 5.16 6.56 10.72
C ARG A 199 5.93 6.42 12.04
N GLU A 200 5.24 6.57 13.18
CA GLU A 200 5.89 6.53 14.52
C GLU A 200 6.62 5.20 14.76
N SER A 201 6.16 4.11 14.13
CA SER A 201 6.79 2.78 14.31
C SER A 201 8.21 2.71 13.73
N GLY A 202 8.57 3.62 12.85
CA GLY A 202 9.82 3.45 12.07
C GLY A 202 9.67 2.68 10.75
N SER A 203 8.49 2.13 10.43
CA SER A 203 8.30 1.24 9.26
C SER A 203 8.54 1.98 7.93
N LEU A 204 8.35 3.30 7.91
CA LEU A 204 8.47 4.12 6.65
C LEU A 204 9.84 4.76 6.50
N SER A 205 10.75 4.46 7.41
CA SER A 205 12.03 5.22 7.55
C SER A 205 13.18 4.56 6.77
N PRO A 206 14.21 5.34 6.36
CA PRO A 206 15.26 4.81 5.48
C PRO A 206 16.19 3.76 6.11
N GLU A 207 16.15 3.58 7.41
CA GLU A 207 17.01 2.52 8.00
C GLU A 207 16.38 1.12 7.80
N HIS A 208 15.20 1.00 7.20
CA HIS A 208 14.61 -0.32 6.88
C HIS A 208 14.40 -0.38 5.35
N GLY A 209 14.21 -1.57 4.81
CA GLY A 209 13.62 -1.75 3.49
C GLY A 209 12.23 -1.12 3.39
N PRO A 210 11.70 -1.03 2.15
CA PRO A 210 10.41 -0.37 1.93
C PRO A 210 9.31 -1.13 2.68
N VAL A 211 8.36 -0.36 3.19
CA VAL A 211 7.08 -0.88 3.71
C VAL A 211 6.34 -1.65 2.59
N VAL A 212 5.69 -2.76 2.95
CA VAL A 212 4.80 -3.50 2.02
C VAL A 212 3.37 -3.04 2.26
N VAL A 213 2.69 -2.47 1.24
CA VAL A 213 1.28 -2.02 1.39
C VAL A 213 0.35 -2.81 0.45
N HIS A 214 -0.81 -3.27 0.95
CA HIS A 214 -1.78 -4.02 0.11
C HIS A 214 -3.22 -3.73 0.49
N CYS A 215 -4.12 -3.96 -0.47
CA CYS A 215 -5.56 -4.06 -0.23
C CYS A 215 -6.01 -5.32 -0.98
N SER A 216 -7.10 -5.33 -1.76
CA SER A 216 -7.35 -6.53 -2.60
C SER A 216 -6.48 -6.50 -3.88
N ALA A 217 -6.59 -5.45 -4.72
CA ALA A 217 -5.77 -5.39 -5.98
C ALA A 217 -4.41 -4.71 -5.75
N GLY A 218 -4.25 -3.93 -4.69
CA GLY A 218 -2.99 -3.18 -4.43
C GLY A 218 -2.89 -1.90 -5.28
N ILE A 219 -4.00 -1.24 -5.63
CA ILE A 219 -3.94 0.03 -6.41
C ILE A 219 -4.87 1.10 -5.85
N GLY A 220 -6.02 0.75 -5.24
CA GLY A 220 -7.03 1.71 -4.79
C GLY A 220 -6.76 2.34 -3.43
N ARG A 221 -7.23 1.67 -2.36
CA ARG A 221 -6.91 2.04 -0.95
C ARG A 221 -5.38 2.15 -0.78
N SER A 222 -4.61 1.22 -1.36
CA SER A 222 -3.14 1.24 -1.27
C SER A 222 -2.60 2.54 -1.90
N GLY A 223 -3.13 2.90 -3.08
CA GLY A 223 -2.82 4.17 -3.76
C GLY A 223 -3.04 5.38 -2.86
N THR A 224 -4.16 5.42 -2.19
CA THR A 224 -4.55 6.53 -1.30
C THR A 224 -3.52 6.68 -0.16
N PHE A 225 -3.12 5.58 0.45
CA PHE A 225 -2.15 5.56 1.57
C PHE A 225 -0.84 6.25 1.12
N CYS A 226 -0.22 5.79 0.02
CA CYS A 226 1.13 6.31 -0.35
C CYS A 226 1.04 7.72 -0.95
N LEU A 227 -0.05 8.09 -1.61
CA LEU A 227 -0.23 9.46 -2.15
C LEU A 227 -0.34 10.48 -0.99
N ALA A 228 -1.14 10.19 0.04
CA ALA A 228 -1.31 11.09 1.19
C ALA A 228 0.04 11.22 1.91
N ASP A 229 0.72 10.12 2.21
CA ASP A 229 2.03 10.16 2.92
C ASP A 229 3.01 11.09 2.16
N THR A 230 3.24 10.82 0.88
CA THR A 230 4.24 11.54 0.04
C THR A 230 3.84 13.02 -0.05
N CYS A 231 2.57 13.34 -0.23
CA CYS A 231 2.15 14.76 -0.34
C CYS A 231 2.43 15.54 0.97
N LEU A 232 2.12 14.96 2.13
CA LEU A 232 2.38 15.61 3.46
C LEU A 232 3.88 15.74 3.70
N LEU A 233 4.67 14.76 3.28
CA LEU A 233 6.15 14.81 3.44
C LEU A 233 6.70 15.98 2.60
N LEU A 234 6.23 16.13 1.36
CA LEU A 234 6.69 17.21 0.45
C LEU A 234 6.35 18.60 1.00
N MET A 235 5.18 18.75 1.64
CA MET A 235 4.77 20.02 2.29
C MET A 235 5.74 20.35 3.41
N ASP A 236 6.19 19.36 4.17
CA ASP A 236 7.17 19.56 5.28
C ASP A 236 8.51 20.09 4.74
N LYS A 237 8.91 19.64 3.56
CA LYS A 237 10.29 19.72 3.05
C LYS A 237 10.45 21.00 2.21
N ARG A 238 9.43 21.45 1.51
CA ARG A 238 9.58 22.55 0.50
C ARG A 238 9.43 23.94 1.15
N LYS A 239 10.10 24.95 0.57
CA LYS A 239 9.94 26.36 1.04
C LYS A 239 8.50 26.84 0.79
N ASP A 240 7.87 26.42 -0.30
CA ASP A 240 6.46 26.82 -0.60
C ASP A 240 5.60 25.57 -0.58
N PRO A 241 5.10 25.13 0.59
CA PRO A 241 4.21 23.97 0.69
C PRO A 241 3.03 24.07 -0.28
N SER A 242 2.69 25.29 -0.68
CA SER A 242 1.50 25.58 -1.53
C SER A 242 1.76 25.13 -2.98
N SER A 243 3.01 24.79 -3.31
CA SER A 243 3.46 24.28 -4.65
C SER A 243 3.16 22.77 -4.80
N VAL A 244 2.68 22.09 -3.75
CA VAL A 244 2.51 20.61 -3.84
C VAL A 244 1.23 20.36 -4.64
N ASP A 245 1.39 19.70 -5.79
CA ASP A 245 0.27 19.43 -6.72
C ASP A 245 -0.07 17.92 -6.67
N ILE A 246 -1.21 17.57 -6.11
CA ILE A 246 -1.55 16.14 -5.78
C ILE A 246 -1.72 15.37 -7.10
N LYS A 247 -2.28 16.01 -8.13
CA LYS A 247 -2.46 15.39 -9.46
C LYS A 247 -1.08 15.06 -10.05
N LYS A 248 -0.08 15.94 -9.89
CA LYS A 248 1.27 15.65 -10.42
C LYS A 248 1.99 14.58 -9.62
N VAL A 249 1.78 14.54 -8.30
CA VAL A 249 2.40 13.45 -7.50
C VAL A 249 1.78 12.12 -7.94
N LEU A 250 0.46 12.07 -8.08
CA LEU A 250 -0.24 10.83 -8.52
C LEU A 250 0.29 10.35 -9.88
N LEU A 251 0.46 11.25 -10.87
CA LEU A 251 1.00 10.81 -12.20
C LEU A 251 2.43 10.31 -12.09
N GLU A 252 3.28 10.95 -11.28
CA GLU A 252 4.64 10.40 -11.00
C GLU A 252 4.53 8.96 -10.43
N MET A 253 3.69 8.72 -9.43
CA MET A 253 3.54 7.38 -8.78
C MET A 253 3.03 6.37 -9.84
N ARG A 254 2.16 6.81 -10.76
CA ARG A 254 1.60 5.92 -11.81
C ARG A 254 2.66 5.61 -12.88
N LYS A 255 3.86 6.19 -12.82
CA LYS A 255 4.95 5.68 -13.68
C LYS A 255 5.42 4.31 -13.15
N PHE A 256 5.09 3.98 -11.87
CA PHE A 256 5.70 2.77 -11.24
C PHE A 256 4.69 1.61 -11.04
N ARG A 257 3.40 1.90 -10.94
CA ARG A 257 2.32 0.89 -10.90
C ARG A 257 1.09 1.49 -11.54
N MET A 258 0.39 0.72 -12.37
CA MET A 258 -0.84 1.16 -13.07
C MET A 258 -2.00 1.31 -12.08
N GLY A 259 -2.90 2.24 -12.40
CA GLY A 259 -4.28 2.29 -11.87
C GLY A 259 -4.40 2.86 -10.44
N LEU A 260 -3.34 3.45 -9.88
CA LEU A 260 -3.34 3.92 -8.48
C LEU A 260 -4.45 4.98 -8.36
N ILE A 261 -5.36 4.80 -7.39
CA ILE A 261 -6.63 5.54 -7.18
C ILE A 261 -7.64 5.04 -8.21
N GLN A 262 -8.62 4.26 -7.77
CA GLN A 262 -9.49 3.46 -8.70
C GLN A 262 -10.77 4.22 -9.10
N THR A 263 -11.18 5.26 -8.37
CA THR A 263 -12.47 5.97 -8.53
C THR A 263 -12.28 7.47 -8.26
N ALA A 264 -13.23 8.28 -8.74
CA ALA A 264 -13.30 9.74 -8.51
C ALA A 264 -13.53 10.04 -7.03
N ASP A 265 -14.25 9.17 -6.30
CA ASP A 265 -14.43 9.31 -4.84
C ASP A 265 -13.12 9.08 -4.06
N GLN A 266 -12.28 8.11 -4.46
CA GLN A 266 -10.95 7.89 -3.82
C GLN A 266 -10.06 9.12 -4.08
N LEU A 267 -10.18 9.73 -5.26
CA LEU A 267 -9.37 10.96 -5.58
C LEU A 267 -9.80 12.08 -4.64
N ARG A 268 -11.11 12.30 -4.48
CA ARG A 268 -11.64 13.36 -3.56
C ARG A 268 -11.24 13.08 -2.10
N PHE A 269 -11.37 11.83 -1.66
CA PHE A 269 -10.94 11.43 -0.29
C PHE A 269 -9.44 11.74 -0.10
N SER A 270 -8.59 11.52 -1.13
CA SER A 270 -7.13 11.78 -1.03
C SER A 270 -6.90 13.28 -0.80
N TYR A 271 -7.56 14.14 -1.56
CA TYR A 271 -7.52 15.61 -1.35
C TYR A 271 -7.90 15.94 0.10
N LEU A 272 -9.04 15.40 0.54
CA LEU A 272 -9.53 15.68 1.92
C LEU A 272 -8.49 15.28 2.96
N ALA A 273 -7.88 14.10 2.82
CA ALA A 273 -6.87 13.61 3.78
C ALA A 273 -5.66 14.56 3.82
N VAL A 274 -5.17 15.01 2.68
CA VAL A 274 -3.93 15.84 2.61
C VAL A 274 -4.25 17.22 3.24
N ILE A 275 -5.40 17.78 2.87
CA ILE A 275 -5.91 19.10 3.37
C ILE A 275 -5.97 19.07 4.90
N GLU A 276 -6.61 18.05 5.46
CA GLU A 276 -6.78 17.91 6.92
C GLU A 276 -5.43 17.61 7.57
N GLY A 277 -4.62 16.74 6.98
CA GLY A 277 -3.33 16.39 7.60
C GLY A 277 -2.37 17.58 7.62
N ALA A 278 -2.55 18.49 6.66
CA ALA A 278 -1.70 19.67 6.42
C ALA A 278 -1.74 20.60 7.64
N LYS A 279 -2.87 20.60 8.36
CA LYS A 279 -3.07 21.43 9.58
C LYS A 279 -1.87 21.26 10.50
N PHE A 280 -1.35 20.02 10.62
CA PHE A 280 -0.17 19.69 11.46
C PHE A 280 1.11 20.23 10.82
N ILE A 281 1.19 20.29 9.48
CA ILE A 281 2.33 20.95 8.78
C ILE A 281 2.20 22.45 9.07
N MET A 282 0.99 22.88 9.45
CA MET A 282 0.69 24.28 9.84
C MET A 282 0.89 24.40 11.35
N GLY A 283 2.00 23.83 11.84
CA GLY A 283 2.53 23.99 13.21
C GLY A 283 1.49 23.78 14.29
N ASP A 284 0.40 23.07 13.97
CA ASP A 284 -0.69 22.74 14.92
C ASP A 284 -1.14 21.29 14.67
C TRS B . 14.35 1.46 -13.03
C1 TRS B . 12.85 1.68 -13.26
C2 TRS B . 15.10 2.78 -12.82
C3 TRS B . 14.94 0.71 -14.21
N TRS B . 14.57 0.57 -11.81
O1 TRS B . 12.09 1.77 -12.04
O2 TRS B . 14.23 3.90 -12.66
O3 TRS B . 14.26 -0.57 -14.43
H11 TRS B . 12.49 0.94 -13.79
H12 TRS B . 12.71 2.50 -13.77
H21 TRS B . 15.70 2.94 -13.58
H22 TRS B . 15.66 2.70 -12.01
H31 TRS B . 15.90 0.55 -14.05
H32 TRS B . 14.85 1.26 -15.01
HN1 TRS B . 15.26 -0.01 -11.94
HN2 TRS B . 13.82 0.09 -11.63
HN3 TRS B . 14.76 1.06 -11.07
HO1 TRS B . 11.13 1.78 -12.04
HO2 TRS B . 14.25 4.52 -12.05
HO3 TRS B . 14.01 -0.90 -13.68
O01 4ZV C . -1.40 28.48 1.21
C02 4ZV C . -1.24 27.28 0.98
O03 4ZV C . -1.67 26.65 0.02
C04 4ZV C . -0.40 26.48 2.03
C05 4ZV C . 0.44 27.17 2.94
C06 4ZV C . 1.20 26.50 3.90
C07 4ZV C . 1.09 25.11 3.91
N08 4ZV C . 1.75 24.20 4.75
C09 4ZV C . 1.33 22.88 4.38
C10 4ZV C . 0.41 23.02 3.30
C11 4ZV C . 0.31 24.42 3.05
C12 4ZV C . -0.46 25.10 2.09
H2 4ZV C . 0.50 28.25 2.92
H3 4ZV C . 1.82 27.08 4.57
H4 4ZV C . 2.39 24.30 5.49
H5 4ZV C . 1.65 22.02 4.83
H6 4ZV C . -0.03 22.19 2.86
H7 4ZV C . -1.09 24.54 1.40
#